data_5CP8
#
_entry.id   5CP8
#
_cell.length_a   99.794
_cell.length_b   99.794
_cell.length_c   139.785
_cell.angle_alpha   90.00
_cell.angle_beta   90.00
_cell.angle_gamma   120.00
#
_symmetry.space_group_name_H-M   'P 62 2 2'
#
loop_
_entity.id
_entity.type
_entity.pdbx_description
1 polymer 'Enoyl-[acyl-carrier-protein] reductase [NADH]'
2 non-polymer NICOTINAMIDE-ADENINE-DINUCLEOTIDE
3 non-polymer 5-HEXYL-2-(2-METHYLPHENOXY)PHENOL
4 non-polymer 2-{2-[2-2-(METHOXY-ETHOXY)-ETHOXY]-ETHOXY}-ETHANOL
5 non-polymer '4-(2-HYDROXYETHYL)-1-PIPERAZINE ETHANESULFONIC ACID'
6 water water
#
_entity_poly.entity_id   1
_entity_poly.type   'polypeptide(L)'
_entity_poly.pdbx_seq_one_letter_code
;MGSSHHHHHHSSGLVPRGSHMTGLLDGKRILVSGIITDSSIAFHIARVAQEQGAQLVLTGFDRLRLIQRITDRLPAKAPL
LELDVQNEEHLASLAGRVTEAIGAGNKLDGVVHSIGFMPQTGMGINPFFDAPYADVSKGIHISAYSYASMAKALLPIMNP
GGSIVGMDFDPSRAMPAYNWMTVAKSALESVNRFVAREAGKYGVRSNLVAAGPIRTLAMSAIVGGALGEEAGAQAQLLEE
GWDQRAPIGWNMKDATPVAKTVCALLSDWLPATTGDIIYADGGAHTQLL
;
_entity_poly.pdbx_strand_id   A
#
loop_
_chem_comp.id
_chem_comp.type
_chem_comp.name
_chem_comp.formula
EPE non-polymer '4-(2-HYDROXYETHYL)-1-PIPERAZINE ETHANESULFONIC ACID' 'C8 H18 N2 O4 S'
ETE non-polymer 2-{2-[2-2-(METHOXY-ETHOXY)-ETHOXY]-ETHOXY}-ETHANOL 'C9 H20 O5'
NAD non-polymer NICOTINAMIDE-ADENINE-DINUCLEOTIDE 'C21 H27 N7 O14 P2'
TCU non-polymer 5-HEXYL-2-(2-METHYLPHENOXY)PHENOL 'C19 H24 O2'
#
# COMPACT_ATOMS: atom_id res chain seq x y z
N GLY A 23 -22.27 7.49 4.22
CA GLY A 23 -20.92 7.07 4.54
C GLY A 23 -20.66 5.62 4.17
N LEU A 24 -19.84 5.42 3.14
CA LEU A 24 -19.48 4.09 2.66
C LEU A 24 -18.86 3.26 3.78
N LEU A 25 -18.13 3.92 4.67
CA LEU A 25 -17.42 3.23 5.74
C LEU A 25 -17.90 3.62 7.14
N ASP A 26 -19.18 3.97 7.25
CA ASP A 26 -19.75 4.39 8.53
C ASP A 26 -19.41 3.42 9.66
N GLY A 27 -18.82 3.95 10.72
CA GLY A 27 -18.58 3.21 11.94
C GLY A 27 -17.62 2.04 11.83
N LYS A 28 -16.90 1.96 10.72
CA LYS A 28 -15.87 0.96 10.57
C LYS A 28 -14.56 1.45 11.17
N ARG A 29 -13.77 0.52 11.70
CA ARG A 29 -12.51 0.85 12.34
C ARG A 29 -11.38 0.37 11.44
N ILE A 30 -10.54 1.29 10.99
CA ILE A 30 -9.54 0.96 9.99
C ILE A 30 -8.12 1.42 10.34
N LEU A 31 -7.20 0.49 10.24
CA LEU A 31 -5.77 0.72 10.41
C LEU A 31 -5.19 1.11 9.06
N VAL A 32 -4.48 2.22 9.01
CA VAL A 32 -3.83 2.66 7.77
C VAL A 32 -2.33 2.91 7.97
N SER A 33 -1.53 2.19 7.20
CA SER A 33 -0.08 2.32 7.25
C SER A 33 0.45 3.00 5.99
N GLY A 34 1.68 3.50 6.05
CA GLY A 34 2.37 3.99 4.87
C GLY A 34 2.29 5.49 4.57
N ILE A 35 1.79 6.27 5.52
CA ILE A 35 1.82 7.72 5.37
C ILE A 35 3.21 8.26 5.68
N ILE A 36 3.80 8.98 4.74
CA ILE A 36 5.08 9.64 4.96
C ILE A 36 5.02 11.14 4.61
N THR A 37 4.37 11.48 3.50
CA THR A 37 4.07 12.88 3.19
C THR A 37 2.58 13.03 2.84
N ASP A 38 2.20 14.23 2.44
CA ASP A 38 0.81 14.52 2.10
C ASP A 38 0.48 14.19 0.66
N SER A 39 1.44 13.58 -0.04
CA SER A 39 1.15 13.06 -1.35
C SER A 39 1.21 11.52 -1.36
N SER A 40 1.44 10.93 -0.19
CA SER A 40 1.35 9.48 -0.01
C SER A 40 -0.01 8.96 -0.41
N ILE A 41 -0.04 7.84 -1.11
CA ILE A 41 -1.29 7.18 -1.42
C ILE A 41 -2.03 6.87 -0.11
N ALA A 42 -1.27 6.50 0.92
CA ALA A 42 -1.85 6.22 2.23
C ALA A 42 -2.57 7.43 2.83
N PHE A 43 -2.04 8.62 2.57
CA PHE A 43 -2.64 9.85 3.09
C PHE A 43 -4.00 10.08 2.47
N HIS A 44 -4.10 9.86 1.16
CA HIS A 44 -5.35 10.05 0.45
C HIS A 44 -6.35 8.93 0.73
N ILE A 45 -5.82 7.74 0.97
CA ILE A 45 -6.64 6.62 1.45
C ILE A 45 -7.30 7.03 2.78
N ALA A 46 -6.48 7.49 3.71
CA ALA A 46 -6.96 7.90 5.03
C ALA A 46 -8.00 9.01 4.96
N ARG A 47 -7.71 10.03 4.15
CA ARG A 47 -8.59 11.18 4.02
C ARG A 47 -9.97 10.75 3.50
N VAL A 48 -9.98 10.06 2.37
CA VAL A 48 -11.21 9.57 1.78
C VAL A 48 -12.00 8.70 2.77
N ALA A 49 -11.30 7.83 3.48
CA ALA A 49 -11.98 6.93 4.40
C ALA A 49 -12.71 7.72 5.48
N GLN A 50 -12.03 8.73 6.03
CA GLN A 50 -12.61 9.56 7.09
C GLN A 50 -13.79 10.36 6.56
N GLU A 51 -13.66 10.86 5.35
CA GLU A 51 -14.78 11.50 4.66
C GLU A 51 -15.98 10.54 4.58
N GLN A 52 -15.69 9.25 4.57
CA GLN A 52 -16.71 8.22 4.46
C GLN A 52 -17.08 7.60 5.82
N GLY A 53 -16.69 8.27 6.90
CA GLY A 53 -17.15 7.89 8.23
C GLY A 53 -16.34 6.86 8.99
N ALA A 54 -15.21 6.46 8.43
CA ALA A 54 -14.33 5.53 9.11
C ALA A 54 -13.63 6.21 10.28
N GLN A 55 -13.36 5.45 11.32
CA GLN A 55 -12.58 5.92 12.46
C GLN A 55 -11.23 5.22 12.33
N LEU A 56 -10.15 5.97 12.42
CA LEU A 56 -8.85 5.45 11.98
C LEU A 56 -7.82 5.27 13.08
N VAL A 57 -6.87 4.39 12.81
CA VAL A 57 -5.64 4.30 13.56
C VAL A 57 -4.51 4.30 12.54
N LEU A 58 -3.46 5.06 12.82
CA LEU A 58 -2.39 5.22 11.86
C LEU A 58 -1.08 4.63 12.37
N THR A 59 -0.27 4.14 11.45
CA THR A 59 1.09 3.71 11.78
C THR A 59 2.07 4.41 10.86
N GLY A 60 3.23 4.75 11.39
CA GLY A 60 4.28 5.37 10.61
C GLY A 60 5.64 4.76 10.87
N PHE A 61 6.55 4.92 9.91
CA PHE A 61 7.91 4.43 10.05
C PHE A 61 8.93 5.56 10.32
N ASP A 62 9.52 5.54 11.52
CA ASP A 62 10.78 6.26 11.80
C ASP A 62 10.64 7.78 12.05
N ARG A 63 10.12 8.51 11.08
CA ARG A 63 9.95 9.96 11.20
C ARG A 63 8.56 10.33 11.75
N LEU A 64 8.34 10.04 13.03
CA LEU A 64 7.01 10.17 13.62
C LEU A 64 6.54 11.62 13.83
N ARG A 65 7.47 12.54 14.11
CA ARG A 65 7.08 13.95 14.26
C ARG A 65 6.59 14.50 12.93
N LEU A 66 7.35 14.23 11.88
CA LEU A 66 6.92 14.52 10.52
C LEU A 66 5.54 13.93 10.23
N ILE A 67 5.34 12.66 10.57
CA ILE A 67 4.10 11.99 10.20
C ILE A 67 2.91 12.55 11.00
N GLN A 68 3.16 12.85 12.27
CA GLN A 68 2.15 13.49 13.11
C GLN A 68 1.74 14.82 12.46
N ARG A 69 2.75 15.62 12.16
CA ARG A 69 2.57 16.92 11.54
C ARG A 69 1.77 16.81 10.23
N ILE A 70 2.17 15.88 9.37
CA ILE A 70 1.43 15.61 8.15
C ILE A 70 -0.02 15.18 8.41
N THR A 71 -0.21 14.26 9.36
CA THR A 71 -1.53 13.69 9.61
C THR A 71 -2.48 14.64 10.32
N ASP A 72 -1.93 15.63 11.01
CA ASP A 72 -2.75 16.67 11.63
C ASP A 72 -3.66 17.35 10.60
N ARG A 73 -3.39 17.14 9.33
CA ARG A 73 -4.18 17.79 8.29
C ARG A 73 -5.35 16.96 7.76
N LEU A 74 -5.47 15.73 8.25
CA LEU A 74 -6.63 14.90 7.90
C LEU A 74 -7.90 15.51 8.45
N PRO A 75 -9.03 15.22 7.81
CA PRO A 75 -10.34 15.71 8.25
C PRO A 75 -10.61 15.47 9.74
N ALA A 76 -10.00 14.45 10.35
CA ALA A 76 -10.24 14.11 11.75
C ALA A 76 -9.00 13.59 12.49
N LYS A 77 -9.05 13.64 13.81
CA LYS A 77 -7.94 13.14 14.64
C LYS A 77 -7.87 11.62 14.60
N ALA A 78 -6.66 11.08 14.65
CA ALA A 78 -6.45 9.64 14.65
C ALA A 78 -5.14 9.27 15.31
N PRO A 79 -5.17 8.33 16.26
CA PRO A 79 -3.94 7.90 16.93
C PRO A 79 -2.86 7.52 15.93
N LEU A 80 -1.62 7.85 16.25
CA LEU A 80 -0.51 7.42 15.42
C LEU A 80 0.36 6.46 16.22
N LEU A 81 0.61 5.30 15.63
CA LEU A 81 1.40 4.27 16.29
C LEU A 81 2.66 3.98 15.49
N GLU A 82 3.77 3.78 16.19
CA GLU A 82 5.01 3.47 15.51
C GLU A 82 5.02 2.05 14.97
N LEU A 83 5.48 1.89 13.73
CA LEU A 83 5.64 0.55 13.20
C LEU A 83 6.76 0.46 12.17
N ASP A 84 7.88 -0.12 12.60
CA ASP A 84 8.87 -0.59 11.66
C ASP A 84 8.55 -2.05 11.35
N VAL A 85 8.12 -2.28 10.11
CA VAL A 85 7.74 -3.59 9.62
C VAL A 85 8.82 -4.68 9.76
N GLN A 86 10.08 -4.28 9.91
CA GLN A 86 11.18 -5.22 10.09
C GLN A 86 11.50 -5.40 11.58
N ASN A 87 10.74 -4.73 12.43
CA ASN A 87 10.99 -4.80 13.86
C ASN A 87 10.08 -5.85 14.52
N GLU A 88 10.68 -6.85 15.15
CA GLU A 88 9.89 -7.94 15.75
C GLU A 88 9.02 -7.44 16.90
N GLU A 89 9.58 -6.56 17.73
CA GLU A 89 8.88 -6.04 18.89
C GLU A 89 7.68 -5.18 18.52
N HIS A 90 7.86 -4.35 17.50
CA HIS A 90 6.77 -3.53 16.99
C HIS A 90 5.62 -4.43 16.56
N LEU A 91 5.97 -5.47 15.81
CA LEU A 91 4.99 -6.43 15.32
C LEU A 91 4.33 -7.14 16.49
N ALA A 92 5.14 -7.68 17.40
CA ALA A 92 4.64 -8.39 18.57
C ALA A 92 3.68 -7.58 19.44
N SER A 93 3.94 -6.27 19.53
CA SER A 93 3.18 -5.41 20.44
C SER A 93 2.06 -4.65 19.75
N LEU A 94 1.97 -4.83 18.42
CA LEU A 94 1.10 -4.01 17.58
C LEU A 94 -0.38 -4.08 17.98
N ALA A 95 -0.90 -5.30 18.10
CA ALA A 95 -2.30 -5.51 18.42
C ALA A 95 -2.69 -4.93 19.79
N GLY A 96 -1.81 -5.07 20.77
CA GLY A 96 -2.06 -4.50 22.08
C GLY A 96 -2.19 -2.99 22.00
N ARG A 97 -1.26 -2.39 21.26
CA ARG A 97 -1.28 -0.93 21.04
C ARG A 97 -2.54 -0.45 20.33
N VAL A 98 -2.96 -1.18 19.29
CA VAL A 98 -4.18 -0.85 18.57
C VAL A 98 -5.41 -0.95 19.46
N THR A 99 -5.53 -2.06 20.17
CA THR A 99 -6.68 -2.28 21.05
C THR A 99 -6.73 -1.19 22.09
N GLU A 100 -5.56 -0.77 22.54
CA GLU A 100 -5.44 0.34 23.48
C GLU A 100 -6.00 1.61 22.86
N ALA A 101 -5.72 1.77 21.57
CA ALA A 101 -6.11 3.00 20.87
C ALA A 101 -7.59 3.01 20.50
N ILE A 102 -8.16 1.85 20.17
CA ILE A 102 -9.56 1.82 19.76
C ILE A 102 -10.53 1.45 20.88
N GLY A 103 -9.99 1.07 22.03
CA GLY A 103 -10.80 0.72 23.17
C GLY A 103 -11.04 -0.78 23.27
N ALA A 104 -10.83 -1.32 24.48
CA ALA A 104 -10.93 -2.76 24.70
C ALA A 104 -12.33 -3.28 24.37
N GLY A 105 -12.38 -4.47 23.78
CA GLY A 105 -13.64 -5.05 23.34
C GLY A 105 -14.05 -4.57 21.96
N ASN A 106 -13.23 -3.70 21.37
CA ASN A 106 -13.44 -3.23 20.01
C ASN A 106 -12.41 -3.85 19.08
N LYS A 107 -12.81 -4.19 17.86
CA LYS A 107 -11.88 -4.75 16.88
C LYS A 107 -11.78 -3.92 15.60
N LEU A 108 -10.85 -4.32 14.73
CA LEU A 108 -10.64 -3.66 13.45
C LEU A 108 -11.53 -4.25 12.37
N ASP A 109 -12.09 -3.39 11.53
CA ASP A 109 -12.88 -3.84 10.39
C ASP A 109 -12.07 -3.80 9.11
N GLY A 110 -10.95 -3.08 9.16
CA GLY A 110 -10.10 -2.93 7.98
C GLY A 110 -8.64 -2.68 8.26
N VAL A 111 -7.80 -3.18 7.38
CA VAL A 111 -6.36 -2.96 7.44
C VAL A 111 -5.85 -2.55 6.06
N VAL A 112 -5.06 -1.48 6.02
CA VAL A 112 -4.45 -1.00 4.77
C VAL A 112 -2.93 -1.07 4.82
N HIS A 113 -2.35 -1.82 3.90
CA HIS A 113 -0.90 -1.92 3.73
C HIS A 113 -0.45 -1.05 2.55
N SER A 114 0.18 0.08 2.84
CA SER A 114 0.68 0.96 1.77
C SER A 114 2.15 1.23 1.94
N ILE A 115 2.93 0.15 1.94
CA ILE A 115 4.31 0.18 2.38
C ILE A 115 5.21 -0.45 1.33
N GLY A 116 6.39 0.13 1.15
CA GLY A 116 7.35 -0.40 0.20
C GLY A 116 8.72 0.21 0.36
N PHE A 117 9.74 -0.55 -0.04
CA PHE A 117 11.11 -0.07 -0.03
C PHE A 117 12.02 -1.02 -0.80
N MET A 118 12.97 -0.44 -1.52
CA MET A 118 14.00 -1.19 -2.23
C MET A 118 15.25 -0.32 -2.30
N PRO A 119 16.38 -0.83 -1.79
CA PRO A 119 17.65 -0.11 -1.90
C PRO A 119 17.95 0.27 -3.35
N GLN A 120 18.63 1.40 -3.54
CA GLN A 120 18.92 1.94 -4.86
C GLN A 120 19.57 0.93 -5.80
N THR A 121 20.47 0.12 -5.26
CA THR A 121 21.16 -0.92 -6.04
C THR A 121 20.19 -1.83 -6.80
N GLY A 122 18.98 -1.97 -6.30
CA GLY A 122 17.99 -2.83 -6.94
C GLY A 122 17.11 -2.14 -7.96
N MET A 123 17.43 -0.89 -8.29
CA MET A 123 16.57 -0.10 -9.15
C MET A 123 17.33 0.83 -10.09
N GLY A 124 16.64 1.28 -11.14
CA GLY A 124 17.18 2.28 -12.04
C GLY A 124 18.29 1.77 -12.95
N ILE A 125 19.22 2.65 -13.28
CA ILE A 125 20.29 2.34 -14.24
C ILE A 125 21.38 1.46 -13.63
N ASN A 126 21.28 1.22 -12.32
CA ASN A 126 22.14 0.25 -11.65
C ASN A 126 21.78 -1.14 -12.16
N PRO A 127 22.76 -1.84 -12.74
CA PRO A 127 22.51 -3.14 -13.38
C PRO A 127 21.72 -4.08 -12.48
N PHE A 128 20.75 -4.78 -13.08
CA PHE A 128 19.97 -5.80 -12.39
C PHE A 128 20.91 -6.76 -11.67
N PHE A 129 21.95 -7.20 -12.38
CA PHE A 129 22.88 -8.21 -11.89
C PHE A 129 23.77 -7.73 -10.74
N ASP A 130 23.72 -6.44 -10.44
CA ASP A 130 24.66 -5.87 -9.48
C ASP A 130 24.04 -5.58 -8.11
N ALA A 131 22.75 -5.86 -7.97
CA ALA A 131 22.10 -5.74 -6.66
C ALA A 131 22.46 -6.95 -5.80
N PRO A 132 23.14 -6.71 -4.67
CA PRO A 132 23.52 -7.75 -3.71
C PRO A 132 22.27 -8.35 -3.08
N TYR A 133 22.27 -9.66 -2.78
CA TYR A 133 21.05 -10.26 -2.23
C TYR A 133 20.59 -9.61 -0.93
N ALA A 134 21.53 -9.16 -0.11
CA ALA A 134 21.18 -8.48 1.14
C ALA A 134 20.30 -7.26 0.90
N ASP A 135 20.53 -6.57 -0.22
CA ASP A 135 19.71 -5.41 -0.59
C ASP A 135 18.35 -5.87 -1.12
N VAL A 136 18.38 -6.82 -2.04
CA VAL A 136 17.16 -7.40 -2.58
C VAL A 136 16.30 -8.06 -1.46
N SER A 137 16.96 -8.67 -0.49
CA SER A 137 16.28 -9.29 0.64
C SER A 137 15.55 -8.26 1.50
N LYS A 138 16.23 -7.16 1.82
CA LYS A 138 15.60 -6.09 2.58
C LYS A 138 14.35 -5.57 1.86
N GLY A 139 14.44 -5.44 0.54
CA GLY A 139 13.34 -4.92 -0.25
C GLY A 139 12.12 -5.82 -0.20
N ILE A 140 12.35 -7.10 -0.43
CA ILE A 140 11.30 -8.08 -0.39
C ILE A 140 10.74 -8.20 1.01
N HIS A 141 11.60 -8.01 2.02
CA HIS A 141 11.15 -8.09 3.40
C HIS A 141 10.06 -7.06 3.65
N ILE A 142 10.38 -5.80 3.32
CA ILE A 142 9.49 -4.68 3.61
C ILE A 142 8.31 -4.61 2.64
N SER A 143 8.53 -5.02 1.40
CA SER A 143 7.55 -4.82 0.35
C SER A 143 6.57 -5.97 0.16
N ALA A 144 7.02 -7.19 0.44
CA ALA A 144 6.19 -8.39 0.27
C ALA A 144 5.88 -9.09 1.59
N TYR A 145 6.94 -9.58 2.24
CA TYR A 145 6.81 -10.37 3.47
C TYR A 145 5.98 -9.66 4.53
N SER A 146 6.06 -8.34 4.58
CA SER A 146 5.38 -7.58 5.62
C SER A 146 3.87 -7.60 5.48
N TYR A 147 3.38 -7.94 4.30
CA TYR A 147 1.93 -8.07 4.13
C TYR A 147 1.47 -9.25 4.99
N ALA A 148 2.25 -10.33 4.98
CA ALA A 148 1.98 -11.49 5.82
C ALA A 148 2.15 -11.17 7.31
N SER A 149 3.21 -10.43 7.63
CA SER A 149 3.53 -10.07 9.01
C SER A 149 2.45 -9.22 9.65
N MET A 150 1.97 -8.21 8.93
CA MET A 150 0.90 -7.35 9.45
C MET A 150 -0.37 -8.16 9.64
N ALA A 151 -0.70 -8.99 8.65
CA ALA A 151 -1.87 -9.85 8.71
C ALA A 151 -1.81 -10.73 9.97
N LYS A 152 -0.67 -11.39 10.17
CA LYS A 152 -0.44 -12.23 11.34
C LYS A 152 -0.70 -11.47 12.64
N ALA A 153 -0.22 -10.24 12.71
CA ALA A 153 -0.33 -9.45 13.93
C ALA A 153 -1.74 -8.93 14.16
N LEU A 154 -2.52 -8.80 13.09
CA LEU A 154 -3.76 -8.04 13.18
C LEU A 154 -5.04 -8.84 13.01
N LEU A 155 -4.96 -9.95 12.31
CA LEU A 155 -6.13 -10.83 12.13
C LEU A 155 -6.82 -11.18 13.46
N PRO A 156 -6.04 -11.48 14.51
CA PRO A 156 -6.66 -11.82 15.80
C PRO A 156 -7.57 -10.73 16.37
N ILE A 157 -7.35 -9.47 15.97
CA ILE A 157 -8.19 -8.38 16.44
C ILE A 157 -9.00 -7.75 15.31
N MET A 158 -9.48 -8.60 14.41
CA MET A 158 -10.35 -8.13 13.34
C MET A 158 -11.72 -8.78 13.45
N ASN A 159 -12.72 -8.11 12.87
CA ASN A 159 -14.08 -8.61 12.87
C ASN A 159 -14.36 -9.40 11.59
N PRO A 160 -15.28 -10.37 11.69
CA PRO A 160 -15.82 -11.01 10.50
C PRO A 160 -16.46 -9.96 9.62
N GLY A 161 -16.32 -10.08 8.30
CA GLY A 161 -16.77 -9.06 7.38
C GLY A 161 -15.63 -8.10 7.07
N GLY A 162 -14.49 -8.32 7.74
CA GLY A 162 -13.35 -7.43 7.61
C GLY A 162 -12.59 -7.50 6.29
N SER A 163 -11.72 -6.52 6.07
CA SER A 163 -10.98 -6.39 4.81
C SER A 163 -9.53 -6.01 5.04
N ILE A 164 -8.61 -6.71 4.38
CA ILE A 164 -7.22 -6.28 4.30
C ILE A 164 -6.87 -5.86 2.86
N VAL A 165 -6.21 -4.71 2.70
CA VAL A 165 -5.83 -4.19 1.38
C VAL A 165 -4.35 -3.77 1.31
N GLY A 166 -3.67 -4.25 0.28
CA GLY A 166 -2.29 -3.88 0.03
C GLY A 166 -2.18 -3.11 -1.29
N MET A 167 -1.09 -2.37 -1.45
CA MET A 167 -0.86 -1.59 -2.67
C MET A 167 0.09 -2.31 -3.60
N ASP A 168 -0.28 -2.37 -4.88
CA ASP A 168 0.43 -3.16 -5.86
C ASP A 168 0.76 -2.33 -7.10
N PHE A 169 1.77 -2.75 -7.84
CA PHE A 169 2.05 -2.20 -9.15
C PHE A 169 2.30 -3.38 -10.09
N ASP A 170 1.40 -3.57 -11.05
CA ASP A 170 1.38 -4.75 -11.90
C ASP A 170 2.75 -5.18 -12.43
N PRO A 171 3.28 -6.31 -11.89
CA PRO A 171 4.62 -6.81 -12.15
C PRO A 171 4.60 -7.95 -13.17
N SER A 172 3.48 -8.16 -13.84
CA SER A 172 3.34 -9.35 -14.67
C SER A 172 4.24 -9.32 -15.90
N ARG A 173 4.78 -8.13 -16.18
CA ARG A 173 5.75 -7.93 -17.25
C ARG A 173 6.97 -7.19 -16.73
N ALA A 174 8.11 -7.43 -17.34
CA ALA A 174 9.32 -6.67 -17.02
C ALA A 174 9.24 -5.28 -17.64
N MET A 175 9.95 -4.35 -17.02
CA MET A 175 9.97 -2.98 -17.46
C MET A 175 11.30 -2.38 -17.05
N PRO A 176 11.70 -1.26 -17.69
CA PRO A 176 12.95 -0.62 -17.31
C PRO A 176 12.86 -0.03 -15.90
N ALA A 177 13.98 0.01 -15.21
CA ALA A 177 14.13 0.78 -13.96
C ALA A 177 13.43 0.20 -12.74
N TYR A 178 12.22 -0.32 -12.90
CA TYR A 178 11.51 -0.89 -11.75
C TYR A 178 12.29 -2.07 -11.18
N ASN A 179 12.96 -2.80 -12.07
CA ASN A 179 13.92 -3.85 -11.72
C ASN A 179 13.48 -4.78 -10.58
N TRP A 180 14.17 -4.71 -9.44
CA TRP A 180 13.91 -5.63 -8.33
C TRP A 180 12.64 -5.32 -7.56
N MET A 181 12.13 -4.10 -7.69
CA MET A 181 10.84 -3.83 -7.06
C MET A 181 9.72 -4.64 -7.75
N THR A 182 9.92 -4.97 -9.02
CA THR A 182 8.94 -5.74 -9.78
C THR A 182 8.88 -7.14 -9.20
N VAL A 183 10.05 -7.68 -8.91
CA VAL A 183 10.19 -8.99 -8.31
C VAL A 183 9.51 -8.99 -6.95
N ALA A 184 9.70 -7.92 -6.19
CA ALA A 184 9.04 -7.74 -4.89
C ALA A 184 7.52 -7.69 -5.00
N LYS A 185 7.03 -7.12 -6.10
CA LYS A 185 5.59 -7.02 -6.33
C LYS A 185 5.04 -8.36 -6.78
N SER A 186 5.82 -9.11 -7.54
CA SER A 186 5.44 -10.46 -7.93
C SER A 186 5.27 -11.33 -6.68
N ALA A 187 6.25 -11.27 -5.78
CA ALA A 187 6.18 -11.94 -4.49
C ALA A 187 4.93 -11.54 -3.69
N LEU A 188 4.64 -10.24 -3.69
CA LEU A 188 3.52 -9.68 -2.93
C LEU A 188 2.19 -10.25 -3.38
N GLU A 189 1.99 -10.31 -4.69
CA GLU A 189 0.76 -10.88 -5.25
C GLU A 189 0.60 -12.33 -4.78
N SER A 190 1.70 -13.07 -4.74
CA SER A 190 1.69 -14.46 -4.30
C SER A 190 1.31 -14.55 -2.81
N VAL A 191 2.00 -13.78 -1.99
CA VAL A 191 1.69 -13.64 -0.58
C VAL A 191 0.22 -13.31 -0.35
N ASN A 192 -0.31 -12.36 -1.10
CA ASN A 192 -1.73 -11.97 -0.97
C ASN A 192 -2.70 -13.15 -1.08
N ARG A 193 -2.39 -14.11 -1.94
CA ARG A 193 -3.26 -15.26 -2.14
C ARG A 193 -3.24 -16.19 -0.92
N PHE A 194 -2.07 -16.33 -0.31
CA PHE A 194 -1.93 -17.12 0.90
C PHE A 194 -2.53 -16.42 2.10
N VAL A 195 -2.36 -15.10 2.17
CA VAL A 195 -2.97 -14.33 3.24
C VAL A 195 -4.49 -14.48 3.17
N ALA A 196 -5.03 -14.46 1.95
CA ALA A 196 -6.45 -14.76 1.72
C ALA A 196 -6.91 -16.08 2.37
N ARG A 197 -6.04 -17.10 2.34
CA ARG A 197 -6.38 -18.40 2.94
C ARG A 197 -6.51 -18.29 4.46
N GLU A 198 -5.56 -17.58 5.08
CA GLU A 198 -5.56 -17.37 6.52
C GLU A 198 -6.69 -16.44 6.96
N ALA A 199 -6.80 -15.29 6.30
CA ALA A 199 -7.84 -14.32 6.59
C ALA A 199 -9.23 -14.93 6.48
N GLY A 200 -9.38 -15.88 5.57
CA GLY A 200 -10.67 -16.55 5.37
C GLY A 200 -11.18 -17.25 6.62
N LYS A 201 -10.27 -17.84 7.40
CA LYS A 201 -10.63 -18.52 8.65
C LYS A 201 -11.28 -17.54 9.63
N TYR A 202 -11.17 -16.23 9.36
CA TYR A 202 -11.73 -15.21 10.24
C TYR A 202 -12.93 -14.48 9.62
N GLY A 203 -13.33 -14.87 8.42
CA GLY A 203 -14.36 -14.14 7.70
C GLY A 203 -13.82 -12.84 7.12
N VAL A 204 -12.50 -12.73 7.03
CA VAL A 204 -11.84 -11.50 6.56
C VAL A 204 -11.32 -11.64 5.13
N ARG A 205 -11.53 -10.62 4.32
CA ARG A 205 -11.03 -10.59 2.95
C ARG A 205 -9.60 -10.03 2.87
N SER A 206 -8.86 -10.49 1.87
CA SER A 206 -7.53 -9.93 1.56
C SER A 206 -7.41 -9.71 0.06
N ASN A 207 -7.01 -8.49 -0.33
CA ASN A 207 -6.88 -8.13 -1.73
C ASN A 207 -5.82 -7.06 -1.96
N LEU A 208 -5.39 -6.95 -3.21
CA LEU A 208 -4.43 -5.93 -3.59
C LEU A 208 -5.06 -4.93 -4.57
N VAL A 209 -4.69 -3.65 -4.45
CA VAL A 209 -5.01 -2.67 -5.48
C VAL A 209 -3.78 -2.38 -6.34
N ALA A 210 -3.90 -2.64 -7.63
CA ALA A 210 -2.83 -2.35 -8.57
C ALA A 210 -3.05 -0.94 -9.15
N ALA A 211 -2.24 0.01 -8.70
CA ALA A 211 -2.41 1.41 -9.09
C ALA A 211 -1.58 1.79 -10.30
N GLY A 212 -2.03 2.81 -11.02
CA GLY A 212 -1.22 3.46 -12.03
C GLY A 212 -0.19 4.36 -11.35
N PRO A 213 0.66 5.01 -12.16
CA PRO A 213 1.75 5.83 -11.60
C PRO A 213 1.21 7.07 -10.89
N ILE A 214 1.68 7.32 -9.68
CA ILE A 214 1.27 8.51 -8.94
C ILE A 214 2.48 9.26 -8.39
N ARG A 215 2.48 10.58 -8.59
CA ARG A 215 3.56 11.46 -8.11
C ARG A 215 3.63 11.55 -6.60
N THR A 216 4.40 10.64 -6.00
CA THR A 216 4.59 10.58 -4.57
C THR A 216 6.07 10.74 -4.28
N LEU A 217 6.43 10.74 -3.00
CA LEU A 217 7.82 10.77 -2.60
C LEU A 217 8.62 9.66 -3.27
N ALA A 218 8.11 8.44 -3.20
CA ALA A 218 8.83 7.28 -3.73
C ALA A 218 8.97 7.38 -5.25
N MET A 219 7.98 7.95 -5.90
CA MET A 219 8.01 8.12 -7.35
C MET A 219 8.85 9.31 -7.75
N SER A 220 8.87 10.33 -6.90
CA SER A 220 9.69 11.53 -7.14
C SER A 220 11.16 11.16 -7.26
N ALA A 221 11.62 10.30 -6.35
CA ALA A 221 12.96 9.74 -6.44
C ALA A 221 13.28 9.38 -7.90
N ILE A 222 12.71 8.26 -8.34
CA ILE A 222 12.79 7.75 -9.71
C ILE A 222 12.77 8.81 -10.84
N VAL A 223 11.70 9.59 -10.91
CA VAL A 223 11.54 10.59 -11.96
C VAL A 223 12.62 11.67 -11.91
N GLY A 224 13.07 12.00 -10.70
CA GLY A 224 14.05 13.05 -10.51
C GLY A 224 15.50 12.69 -10.76
N GLY A 225 15.76 11.45 -11.18
CA GLY A 225 17.09 11.05 -11.59
C GLY A 225 18.00 10.55 -10.49
N ALA A 226 17.47 10.45 -9.28
CA ALA A 226 18.23 9.91 -8.15
C ALA A 226 18.63 8.45 -8.36
N LEU A 227 17.99 7.81 -9.32
CA LEU A 227 18.31 6.42 -9.66
C LEU A 227 18.95 6.37 -11.05
N GLY A 228 19.45 7.53 -11.49
CA GLY A 228 20.03 7.67 -12.81
C GLY A 228 19.10 8.40 -13.75
N GLU A 229 19.67 9.22 -14.64
CA GLU A 229 18.88 10.01 -15.57
C GLU A 229 18.10 9.16 -16.56
N GLU A 230 18.73 8.12 -17.10
CA GLU A 230 18.02 7.27 -18.03
C GLU A 230 16.83 6.61 -17.36
N ALA A 231 16.98 6.24 -16.09
CA ALA A 231 15.87 5.69 -15.32
C ALA A 231 14.74 6.71 -15.19
N GLY A 232 15.11 7.95 -14.86
CA GLY A 232 14.16 9.03 -14.76
C GLY A 232 13.40 9.22 -16.07
N ALA A 233 14.12 9.04 -17.18
CA ALA A 233 13.52 9.22 -18.50
C ALA A 233 12.55 8.11 -18.87
N GLN A 234 12.91 6.87 -18.54
CA GLN A 234 12.03 5.74 -18.78
C GLN A 234 10.75 5.82 -17.93
N ALA A 235 10.90 6.29 -16.70
CA ALA A 235 9.77 6.51 -15.79
C ALA A 235 8.82 7.56 -16.36
N GLN A 236 9.38 8.59 -16.99
CA GLN A 236 8.55 9.64 -17.53
C GLN A 236 7.78 9.14 -18.75
N LEU A 237 8.46 8.39 -19.60
CA LEU A 237 7.82 7.75 -20.75
C LEU A 237 6.70 6.81 -20.31
N LEU A 238 6.96 6.10 -19.21
CA LEU A 238 5.99 5.20 -18.63
C LEU A 238 4.71 5.98 -18.29
N GLU A 239 4.82 7.03 -17.48
CA GLU A 239 3.66 7.84 -17.10
C GLU A 239 2.84 8.29 -18.29
N GLU A 240 3.53 8.58 -19.38
CA GLU A 240 2.91 9.18 -20.55
C GLU A 240 2.18 8.13 -21.38
N GLY A 241 2.82 6.99 -21.58
CA GLY A 241 2.17 5.89 -22.25
C GLY A 241 0.92 5.45 -21.52
N TRP A 242 0.90 5.65 -20.21
CA TRP A 242 -0.19 5.17 -19.36
C TRP A 242 -1.52 5.84 -19.66
N ASP A 243 -1.49 7.17 -19.62
CA ASP A 243 -2.67 8.00 -19.89
C ASP A 243 -3.11 7.80 -21.34
N GLN A 244 -2.15 7.45 -22.20
CA GLN A 244 -2.46 7.16 -23.59
C GLN A 244 -3.28 5.88 -23.72
N ARG A 245 -2.79 4.82 -23.08
CA ARG A 245 -3.45 3.51 -23.10
C ARG A 245 -4.79 3.49 -22.37
N ALA A 246 -4.87 4.19 -21.24
CA ALA A 246 -6.05 4.18 -20.40
C ALA A 246 -7.29 4.65 -21.15
N PRO A 247 -8.28 3.75 -21.36
CA PRO A 247 -9.47 4.14 -22.11
C PRO A 247 -10.25 5.29 -21.47
N ILE A 248 -10.06 5.50 -20.17
CA ILE A 248 -10.63 6.67 -19.49
C ILE A 248 -9.55 7.67 -19.05
N GLY A 249 -8.33 7.45 -19.48
CA GLY A 249 -7.24 8.35 -19.14
C GLY A 249 -6.62 8.06 -17.79
N TRP A 250 -5.59 8.83 -17.45
CA TRP A 250 -4.88 8.68 -16.20
C TRP A 250 -4.19 9.96 -15.78
N ASN A 251 -4.51 10.43 -14.58
CA ASN A 251 -3.87 11.62 -14.03
C ASN A 251 -2.93 11.23 -12.89
N MET A 252 -1.63 11.28 -13.16
CA MET A 252 -0.61 10.84 -12.20
C MET A 252 -0.37 11.81 -11.05
N LYS A 253 -1.13 12.91 -11.03
CA LYS A 253 -1.04 13.86 -9.92
C LYS A 253 -2.21 13.69 -8.96
N ASP A 254 -3.14 12.81 -9.31
CA ASP A 254 -4.37 12.63 -8.54
C ASP A 254 -4.54 11.22 -7.96
N ALA A 255 -4.32 11.07 -6.66
CA ALA A 255 -4.36 9.75 -6.01
C ALA A 255 -5.76 9.36 -5.52
N THR A 256 -6.72 10.26 -5.65
CA THR A 256 -8.08 10.05 -5.20
C THR A 256 -8.78 8.83 -5.82
N PRO A 257 -8.61 8.63 -7.14
CA PRO A 257 -9.27 7.49 -7.78
C PRO A 257 -8.83 6.15 -7.20
N VAL A 258 -7.57 6.04 -6.76
CA VAL A 258 -7.10 4.81 -6.12
C VAL A 258 -7.45 4.75 -4.63
N ALA A 259 -7.59 5.90 -3.99
CA ALA A 259 -8.07 5.93 -2.62
C ALA A 259 -9.53 5.48 -2.60
N LYS A 260 -10.32 5.99 -3.55
CA LYS A 260 -11.71 5.59 -3.65
C LYS A 260 -11.86 4.10 -3.88
N THR A 261 -10.96 3.54 -4.69
CA THR A 261 -10.96 2.12 -4.98
C THR A 261 -10.59 1.28 -3.75
N VAL A 262 -9.67 1.79 -2.94
CA VAL A 262 -9.26 1.09 -1.73
C VAL A 262 -10.36 1.11 -0.67
N CYS A 263 -11.16 2.16 -0.65
CA CYS A 263 -12.28 2.24 0.28
C CYS A 263 -13.40 1.29 -0.16
N ALA A 264 -13.57 1.13 -1.47
CA ALA A 264 -14.51 0.12 -1.99
C ALA A 264 -14.20 -1.28 -1.46
N LEU A 265 -12.93 -1.67 -1.50
CA LEU A 265 -12.49 -2.95 -0.97
C LEU A 265 -12.67 -3.04 0.54
N LEU A 266 -12.55 -1.90 1.23
CA LEU A 266 -12.73 -1.85 2.67
C LEU A 266 -14.20 -1.86 3.07
N SER A 267 -15.08 -1.64 2.09
CA SER A 267 -16.51 -1.58 2.34
C SER A 267 -17.16 -2.95 2.23
N ASP A 268 -18.48 -2.97 2.36
CA ASP A 268 -19.24 -4.20 2.27
C ASP A 268 -19.62 -4.55 0.83
N TRP A 269 -19.14 -3.77 -0.14
CA TRP A 269 -19.69 -3.90 -1.49
C TRP A 269 -18.92 -4.82 -2.46
N LEU A 270 -17.84 -5.41 -1.97
CA LEU A 270 -17.15 -6.45 -2.70
C LEU A 270 -16.94 -7.67 -1.79
N PRO A 271 -18.05 -8.22 -1.28
CA PRO A 271 -18.02 -9.27 -0.25
C PRO A 271 -17.53 -10.62 -0.77
N ALA A 272 -17.50 -10.79 -2.09
CA ALA A 272 -17.16 -12.09 -2.69
C ALA A 272 -15.83 -12.07 -3.45
N THR A 273 -14.94 -11.17 -3.02
CA THR A 273 -13.64 -11.02 -3.64
C THR A 273 -12.53 -11.16 -2.60
N THR A 274 -11.54 -11.97 -2.92
CA THR A 274 -10.41 -12.17 -2.01
C THR A 274 -9.24 -12.89 -2.69
N GLY A 275 -8.05 -12.73 -2.13
CA GLY A 275 -6.82 -13.22 -2.73
C GLY A 275 -6.66 -12.69 -4.13
N ASP A 276 -7.27 -11.54 -4.38
CA ASP A 276 -7.43 -11.01 -5.73
C ASP A 276 -6.74 -9.64 -5.92
N ILE A 277 -6.64 -9.20 -7.17
CA ILE A 277 -6.03 -7.92 -7.50
C ILE A 277 -7.02 -7.01 -8.22
N ILE A 278 -7.20 -5.78 -7.72
CA ILE A 278 -8.05 -4.80 -8.37
C ILE A 278 -7.24 -3.68 -9.02
N TYR A 279 -7.43 -3.49 -10.32
CA TYR A 279 -6.68 -2.49 -11.08
C TYR A 279 -7.32 -1.10 -11.05
N ALA A 280 -6.72 -0.22 -10.26
CA ALA A 280 -7.03 1.20 -10.26
C ALA A 280 -5.98 1.91 -11.12
N ASP A 281 -6.05 1.69 -12.43
CA ASP A 281 -4.98 2.09 -13.32
C ASP A 281 -5.52 2.74 -14.59
N GLY A 282 -6.78 3.17 -14.54
CA GLY A 282 -7.43 3.76 -15.68
C GLY A 282 -7.77 2.77 -16.77
N GLY A 283 -7.47 1.49 -16.54
CA GLY A 283 -7.76 0.47 -17.54
C GLY A 283 -6.56 0.20 -18.43
N ALA A 284 -5.45 0.84 -18.10
CA ALA A 284 -4.24 0.76 -18.92
C ALA A 284 -3.78 -0.69 -19.20
N HIS A 285 -3.74 -1.53 -18.16
CA HIS A 285 -3.24 -2.90 -18.32
C HIS A 285 -4.08 -3.77 -19.29
N THR A 286 -5.32 -3.37 -19.56
CA THR A 286 -6.17 -4.10 -20.51
C THR A 286 -5.92 -3.73 -21.99
N GLN A 287 -5.04 -2.76 -22.23
CA GLN A 287 -4.80 -2.24 -23.58
C GLN A 287 -3.32 -2.35 -23.97
N LEU A 288 -3.06 -2.90 -25.15
CA LEU A 288 -1.69 -3.06 -25.61
C LEU A 288 -1.17 -1.71 -26.09
N LEU A 289 -2.01 -1.05 -26.89
CA LEU A 289 -1.67 0.23 -27.48
C LEU A 289 -2.87 1.15 -27.30
PA NAD B . 5.38 6.80 -0.23
O1A NAD B . 4.25 8.00 0.00
O2A NAD B . 6.73 7.34 -0.10
O5B NAD B . 5.01 5.65 0.91
C5B NAD B . 5.78 4.46 1.03
C4B NAD B . 5.74 3.94 2.48
O4B NAD B . 6.73 2.88 2.82
C3B NAD B . 6.14 5.12 3.51
O3B NAD B . 5.12 5.74 4.24
C2B NAD B . 7.28 4.49 4.27
O2B NAD B . 7.56 5.02 5.53
C1B NAD B . 6.87 3.06 4.19
N9A NAD B . 7.96 2.21 4.68
C8A NAD B . 9.21 2.06 4.06
N7A NAD B . 10.00 1.17 4.87
C5A NAD B . 9.20 0.79 6.00
C6A NAD B . 9.47 -0.06 7.11
N6A NAD B . 10.78 -0.69 7.22
N1A NAD B . 8.54 -0.25 8.05
C2A NAD B . 7.27 0.39 7.95
N3A NAD B . 7.01 1.23 6.85
C4A NAD B . 7.96 1.42 5.89
O3 NAD B . 5.18 6.13 -1.75
PN NAD B . 3.70 5.55 -2.23
O1N NAD B . 3.54 5.77 -3.86
O2N NAD B . 2.56 6.07 -1.48
O5D NAD B . 3.80 3.92 -1.93
C5D NAD B . 2.84 3.27 -1.12
C4D NAD B . 2.48 1.92 -1.76
O4D NAD B . 1.87 2.04 -3.09
C3D NAD B . 3.74 0.99 -2.00
O3D NAD B . 3.70 -0.34 -1.55
C2D NAD B . 4.02 1.17 -3.51
O2D NAD B . 4.94 0.29 -4.12
C1D NAD B . 2.59 1.21 -3.99
N1N NAD B . 2.39 1.75 -5.35
C2N NAD B . 2.85 3.08 -5.69
C3N NAD B . 2.57 3.60 -7.02
C7N NAD B . 3.04 4.99 -7.42
O7N NAD B . 3.14 5.26 -8.56
N7N NAD B . 3.27 5.99 -6.39
C4N NAD B . 1.81 2.79 -8.02
C5N NAD B . 1.36 1.47 -7.67
C6N NAD B . 1.64 0.95 -6.34
O17 TCU C . 5.79 0.83 -6.35
C6 TCU C . 5.91 2.10 -6.97
C1 TCU C . 5.58 2.25 -8.31
C2 TCU C . 5.74 3.48 -8.88
C16 TCU C . 5.36 3.62 -10.34
C17 TCU C . 6.33 2.91 -11.29
C18 TCU C . 7.29 3.83 -11.99
C19 TCU C . 7.58 3.49 -13.47
C20 TCU C . 9.08 3.50 -13.85
C21 TCU C . 9.66 2.12 -13.50
C3 TCU C . 6.27 4.58 -8.16
C4 TCU C . 6.60 4.43 -6.79
C5 TCU C . 6.46 3.16 -6.24
O7 TCU C . 6.73 2.88 -4.88
C8 TCU C . 8.04 2.43 -4.63
C9 TCU C . 9.01 2.31 -5.65
C10 TCU C . 10.29 1.82 -5.30
C11 TCU C . 10.56 1.50 -3.95
C12 TCU C . 9.59 1.68 -2.95
C13 TCU C . 8.32 2.14 -3.30
C14 TCU C . 7.19 2.44 -2.31
OH2 ETE D . 15.78 13.68 7.33
C12 ETE D . 16.26 14.69 6.46
C22 ETE D . 14.97 15.47 6.26
OH3 ETE D . 14.45 15.30 4.90
C13 ETE D . 12.57 14.27 3.70
C23 ETE D . 13.37 14.35 5.00
OH4 ETE D . 11.45 13.45 4.10
C14 ETE D . 11.85 11.22 4.92
C24 ETE D . 11.50 12.05 3.72
OH5 ETE D . 11.68 9.83 4.57
C15 ETE D . 12.73 7.86 3.52
C25 ETE D . 12.83 9.37 3.85
OH6 ETE D . 13.65 7.81 2.40
C26 ETE D . 13.66 9.09 1.73
N1 EPE E . 10.12 11.02 16.75
C2 EPE E . 10.98 12.18 16.75
C3 EPE E . 10.72 12.69 15.34
N4 EPE E . 10.92 11.55 14.44
C5 EPE E . 11.77 10.61 15.14
C6 EPE E . 10.84 9.87 16.10
C7 EPE E . 11.54 12.24 13.25
C8 EPE E . 10.27 12.88 12.70
O8 EPE E . 10.42 13.70 11.56
C9 EPE E . 9.68 10.78 18.14
C10 EPE E . 8.31 10.12 18.22
S EPE E . 7.21 11.30 18.79
O1S EPE E . 6.30 10.51 19.76
O2S EPE E . 6.55 12.00 17.53
O3S EPE E . 8.12 12.56 19.15
#